data_4MXT
#
_entry.id   4MXT
#
_cell.length_a   73.262
_cell.length_b   42.802
_cell.length_c   64.550
_cell.angle_alpha   90.000
_cell.angle_beta   104.530
_cell.angle_gamma   90.000
#
_symmetry.space_group_name_H-M   'C 1 2 1'
#
loop_
_entity.id
_entity.type
_entity.pdbx_description
1 polymer 'Uncharacterized protein'
2 non-polymer DI(HYDROXYETHYL)ETHER
3 water water
#
_entity_poly.entity_id   1
_entity_poly.type   'polypeptide(L)'
_entity_poly.pdbx_seq_one_letter_code
;GQQPDAKNILERTAEAFRKAGGVKLAFTVNEQQGSYAGVLYLEGEKFVVETEG(MSE)KTWFDGHTQWSYVASADEVNVS
EPTQEELQTLNPYAWLSLYKQGYRLKLSSVGGKQDKSVYYIT(MSE)TAADKRKDPESVYLFVTKDTYRLHQVDLAPRGS
KY(MSE)TTILIDSYQTGQSYPDSFFVFDKKAYPTAEVID(MSE)R
;
_entity_poly.pdbx_strand_id   A
#
# COMPACT_ATOMS: atom_id res chain seq x y z
N GLN A 2 17.34 15.27 8.94
CA GLN A 2 17.42 15.62 7.53
C GLN A 2 18.85 15.52 7.03
N GLN A 3 19.64 14.76 7.79
N GLN A 3 19.68 14.70 7.66
CA GLN A 3 21.06 14.47 7.55
CA GLN A 3 21.02 14.50 7.15
C GLN A 3 21.29 13.15 6.80
C GLN A 3 21.46 13.05 6.90
N PRO A 4 20.58 12.06 7.17
CA PRO A 4 21.00 10.76 6.64
C PRO A 4 20.78 10.61 5.16
N ASP A 5 21.26 9.52 4.58
CA ASP A 5 21.07 9.29 3.17
C ASP A 5 19.66 8.72 2.87
N ALA A 6 19.01 9.24 1.83
CA ALA A 6 17.63 8.85 1.51
C ALA A 6 17.50 7.34 1.25
N LYS A 7 18.40 6.79 0.44
CA LYS A 7 18.33 5.37 0.12
C LYS A 7 18.45 4.51 1.39
N ASN A 8 19.34 4.89 2.30
CA ASN A 8 19.50 4.14 3.54
CA ASN A 8 19.49 4.14 3.55
C ASN A 8 18.20 4.15 4.37
N ILE A 9 17.57 5.31 4.49
CA ILE A 9 16.32 5.40 5.23
C ILE A 9 15.23 4.56 4.58
N LEU A 10 15.13 4.63 3.25
CA LEU A 10 14.14 3.86 2.54
CA LEU A 10 14.14 3.83 2.55
C LEU A 10 14.39 2.35 2.71
N GLU A 11 15.65 1.93 2.62
CA GLU A 11 15.98 0.52 2.79
C GLU A 11 15.67 0.02 4.19
N ARG A 12 15.96 0.83 5.22
CA ARG A 12 15.63 0.44 6.59
C ARG A 12 14.11 0.30 6.77
N THR A 13 13.35 1.21 6.17
CA THR A 13 11.90 1.21 6.28
C THR A 13 11.34 -0.03 5.59
N ALA A 14 11.83 -0.32 4.39
CA ALA A 14 11.34 -1.47 3.62
C ALA A 14 11.70 -2.79 4.29
N GLU A 15 12.90 -2.86 4.84
CA GLU A 15 13.36 -4.09 5.48
C GLU A 15 12.52 -4.39 6.71
N ALA A 16 12.24 -3.37 7.51
CA ALA A 16 11.42 -3.59 8.70
C ALA A 16 10.03 -4.06 8.30
N PHE A 17 9.48 -3.51 7.24
CA PHE A 17 8.21 -4.01 6.73
C PHE A 17 8.28 -5.50 6.35
N ARG A 18 9.34 -5.88 5.64
N ARG A 18 9.36 -5.90 5.69
N ARG A 18 9.33 -5.89 5.65
CA ARG A 18 9.53 -7.28 5.23
CA ARG A 18 9.49 -7.29 5.24
CA ARG A 18 9.47 -7.29 5.22
C ARG A 18 9.50 -8.20 6.43
C ARG A 18 9.70 -8.28 6.37
C ARG A 18 9.62 -8.26 6.39
N LYS A 19 10.15 -7.79 7.51
CA LYS A 19 10.34 -8.62 8.70
C LYS A 19 9.17 -8.54 9.69
N ALA A 20 8.12 -7.81 9.31
CA ALA A 20 7.03 -7.49 10.24
C ALA A 20 6.01 -8.62 10.47
N GLY A 21 6.07 -9.70 9.68
CA GLY A 21 5.11 -10.77 9.82
C GLY A 21 3.81 -10.35 9.16
N GLY A 22 2.70 -10.93 9.59
CA GLY A 22 1.42 -10.50 9.08
C GLY A 22 1.15 -9.07 9.54
N VAL A 23 0.60 -8.26 8.65
CA VAL A 23 0.30 -6.86 8.94
CA VAL A 23 0.27 -6.89 8.99
C VAL A 23 -1.18 -6.57 8.67
N LYS A 24 -1.77 -5.71 9.50
CA LYS A 24 -3.08 -5.13 9.25
C LYS A 24 -2.88 -3.61 9.16
N LEU A 25 -3.24 -3.04 8.03
CA LEU A 25 -2.97 -1.64 7.71
C LEU A 25 -4.28 -0.97 7.28
N ALA A 26 -4.78 -0.02 8.08
CA ALA A 26 -5.95 0.78 7.69
C ALA A 26 -5.47 2.10 7.08
N PHE A 27 -6.12 2.53 5.99
CA PHE A 27 -5.68 3.68 5.21
C PHE A 27 -6.86 4.53 4.76
N THR A 28 -6.55 5.80 4.47
CA THR A 28 -7.48 6.74 3.84
C THR A 28 -6.82 7.31 2.59
N VAL A 29 -7.59 7.38 1.50
CA VAL A 29 -7.13 8.00 0.26
C VAL A 29 -7.93 9.28 0.05
N ASN A 30 -7.23 10.39 -0.09
CA ASN A 30 -7.83 11.69 -0.39
C ASN A 30 -7.43 12.11 -1.80
N GLU A 31 -8.41 12.30 -2.67
N GLU A 31 -8.45 12.30 -2.63
CA GLU A 31 -8.14 12.67 -4.05
CA GLU A 31 -8.31 12.84 -3.97
C GLU A 31 -9.17 13.72 -4.48
C GLU A 31 -9.22 14.04 -4.14
N GLN A 32 -8.88 14.42 -5.57
N GLN A 32 -9.08 14.72 -5.26
CA GLN A 32 -9.68 15.58 -6.02
CA GLN A 32 -9.90 15.89 -5.53
C GLN A 32 -11.17 15.38 -5.72
C GLN A 32 -11.35 15.51 -5.86
N GLN A 33 -11.64 14.26 -6.24
CA GLN A 33 -13.05 13.87 -6.35
C GLN A 33 -13.68 13.31 -5.07
N GLY A 34 -12.87 12.95 -4.09
CA GLY A 34 -13.40 12.53 -2.82
C GLY A 34 -12.43 11.70 -2.01
N SER A 35 -12.92 11.23 -0.87
CA SER A 35 -12.12 10.48 0.10
CA SER A 35 -12.11 10.46 0.07
C SER A 35 -12.70 9.08 0.32
N TYR A 36 -11.84 8.08 0.49
CA TYR A 36 -12.34 6.74 0.84
C TYR A 36 -11.32 6.02 1.70
N ALA A 37 -11.79 5.02 2.42
CA ALA A 37 -10.95 4.30 3.35
C ALA A 37 -10.94 2.82 3.02
N GLY A 38 -9.91 2.13 3.50
CA GLY A 38 -9.84 0.70 3.33
C GLY A 38 -8.99 0.05 4.41
N VAL A 39 -9.00 -1.27 4.41
CA VAL A 39 -8.18 -2.08 5.29
CA VAL A 39 -8.09 -2.02 5.25
C VAL A 39 -7.45 -3.13 4.43
N LEU A 40 -6.15 -3.29 4.67
CA LEU A 40 -5.34 -4.26 4.01
CA LEU A 40 -5.31 -4.28 4.02
C LEU A 40 -4.77 -5.23 5.05
N TYR A 41 -4.91 -6.52 4.76
CA TYR A 41 -4.27 -7.58 5.55
CA TYR A 41 -4.28 -7.60 5.53
C TYR A 41 -3.24 -8.24 4.64
N LEU A 42 -2.00 -8.28 5.07
CA LEU A 42 -0.86 -8.67 4.22
CA LEU A 42 -0.92 -8.70 4.21
C LEU A 42 0.02 -9.68 4.90
N GLU A 43 0.35 -10.78 4.22
CA GLU A 43 1.35 -11.71 4.75
C GLU A 43 2.04 -12.36 3.57
N GLY A 44 3.34 -12.08 3.44
CA GLY A 44 4.07 -12.54 2.26
C GLY A 44 3.44 -11.96 1.01
N GLU A 45 3.16 -12.85 0.06
N GLU A 45 3.17 -12.78 0.00
CA GLU A 45 2.58 -12.52 -1.23
CA GLU A 45 2.54 -12.26 -1.21
C GLU A 45 1.04 -12.62 -1.23
C GLU A 45 1.00 -12.28 -1.14
N LYS A 46 0.47 -12.86 -0.06
CA LYS A 46 -0.98 -12.98 0.08
CA LYS A 46 -0.99 -12.99 0.12
C LYS A 46 -1.57 -11.70 0.65
N PHE A 47 -2.80 -11.37 0.23
CA PHE A 47 -3.49 -10.21 0.82
C PHE A 47 -4.99 -10.34 0.80
N VAL A 48 -5.62 -9.58 1.70
CA VAL A 48 -7.06 -9.29 1.63
C VAL A 48 -7.18 -7.77 1.70
N VAL A 49 -7.96 -7.17 0.81
CA VAL A 49 -8.22 -5.72 0.88
C VAL A 49 -9.71 -5.45 0.81
N GLU A 50 -10.17 -4.60 1.71
CA GLU A 50 -11.57 -4.27 1.79
CA GLU A 50 -11.58 -4.26 1.93
C GLU A 50 -11.76 -2.76 1.76
N THR A 51 -12.66 -2.33 0.88
CA THR A 51 -13.09 -0.94 0.78
C THR A 51 -14.64 -0.96 0.81
N GLU A 52 -15.30 0.19 0.74
CA GLU A 52 -16.75 0.20 0.81
C GLU A 52 -17.33 -0.55 -0.40
N GLY A 53 -18.17 -1.53 -0.18
CA GLY A 53 -18.71 -2.28 -1.31
C GLY A 53 -17.77 -3.14 -2.21
N LYS A 55 -14.41 -6.24 -1.88
CA LYS A 55 -13.45 -7.03 -1.09
C LYS A 55 -12.71 -7.96 -2.03
N THR A 56 -11.40 -8.07 -1.84
CA THR A 56 -10.55 -8.89 -2.70
C THR A 56 -9.65 -9.77 -1.85
N TRP A 57 -9.56 -11.04 -2.24
CA TRP A 57 -8.70 -12.03 -1.60
C TRP A 57 -7.67 -12.48 -2.62
N PHE A 58 -6.41 -12.59 -2.22
CA PHE A 58 -5.37 -13.15 -3.10
C PHE A 58 -4.51 -14.11 -2.30
N ASP A 59 -4.42 -15.36 -2.77
CA ASP A 59 -3.72 -16.40 -2.01
C ASP A 59 -2.30 -16.68 -2.52
N GLY A 60 -1.77 -15.78 -3.34
CA GLY A 60 -0.46 -15.97 -3.94
C GLY A 60 -0.53 -16.38 -5.39
N HIS A 61 -1.70 -16.86 -5.82
CA HIS A 61 -1.90 -17.34 -7.20
CA HIS A 61 -1.89 -17.29 -7.20
C HIS A 61 -3.25 -16.90 -7.76
N THR A 62 -4.29 -17.11 -6.98
CA THR A 62 -5.66 -16.84 -7.40
C THR A 62 -6.21 -15.61 -6.68
N GLN A 63 -6.90 -14.76 -7.43
CA GLN A 63 -7.58 -13.59 -6.89
C GLN A 63 -9.08 -13.73 -7.02
N TRP A 64 -9.81 -13.51 -5.92
CA TRP A 64 -11.26 -13.40 -5.94
C TRP A 64 -11.59 -11.97 -5.59
N SER A 65 -12.47 -11.35 -6.37
CA SER A 65 -12.90 -9.98 -6.10
CA SER A 65 -12.90 -9.96 -6.13
C SER A 65 -14.41 -9.86 -6.09
N TYR A 66 -14.94 -9.49 -4.92
CA TYR A 66 -16.38 -9.30 -4.72
C TYR A 66 -16.77 -7.84 -4.89
N VAL A 67 -17.79 -7.61 -5.72
CA VAL A 67 -18.33 -6.29 -5.99
C VAL A 67 -19.78 -6.25 -5.49
N ALA A 68 -20.01 -5.51 -4.42
CA ALA A 68 -21.34 -5.49 -3.77
C ALA A 68 -22.45 -4.98 -4.68
N SER A 69 -22.17 -3.99 -5.51
CA SER A 69 -23.21 -3.42 -6.38
C SER A 69 -23.72 -4.40 -7.43
N ALA A 70 -23.00 -5.49 -7.67
CA ALA A 70 -23.43 -6.54 -8.59
C ALA A 70 -23.70 -7.89 -7.90
N ASP A 71 -23.34 -8.01 -6.62
CA ASP A 71 -23.35 -9.28 -5.88
C ASP A 71 -22.70 -10.34 -6.77
N GLU A 72 -21.48 -10.06 -7.20
CA GLU A 72 -20.69 -10.92 -8.07
C GLU A 72 -19.28 -11.04 -7.54
N VAL A 73 -18.73 -12.26 -7.60
CA VAL A 73 -17.32 -12.48 -7.31
CA VAL A 73 -17.34 -12.53 -7.30
C VAL A 73 -16.64 -12.97 -8.57
N ASN A 74 -15.62 -12.23 -9.00
CA ASN A 74 -14.82 -12.63 -10.17
C ASN A 74 -13.51 -13.28 -9.76
N VAL A 75 -13.14 -14.35 -10.46
CA VAL A 75 -11.96 -15.13 -10.11
C VAL A 75 -10.96 -15.06 -11.25
N SER A 76 -9.71 -14.79 -10.93
CA SER A 76 -8.69 -14.61 -11.94
C SER A 76 -7.31 -14.99 -11.41
N GLU A 77 -6.32 -14.94 -12.30
CA GLU A 77 -4.92 -15.15 -11.94
C GLU A 77 -4.09 -13.99 -12.42
N PRO A 78 -4.02 -12.91 -11.65
CA PRO A 78 -3.26 -11.73 -12.06
C PRO A 78 -1.75 -12.00 -12.10
N THR A 79 -1.09 -11.39 -13.08
CA THR A 79 0.37 -11.34 -13.09
C THR A 79 0.84 -10.36 -12.02
N GLN A 80 2.11 -10.49 -11.63
CA GLN A 80 2.67 -9.69 -10.53
C GLN A 80 2.47 -8.19 -10.76
N GLU A 81 2.36 -7.79 -12.02
CA GLU A 81 2.09 -6.40 -12.37
C GLU A 81 0.62 -6.05 -12.19
N GLU A 82 -0.25 -7.04 -12.42
CA GLU A 82 -1.69 -6.80 -12.44
C GLU A 82 -2.30 -6.65 -11.04
N LEU A 83 -1.57 -7.10 -10.03
CA LEU A 83 -2.08 -7.05 -8.66
C LEU A 83 -2.36 -5.63 -8.21
N GLN A 84 -3.35 -5.49 -7.34
CA GLN A 84 -3.68 -4.20 -6.73
C GLN A 84 -3.90 -4.40 -5.23
N THR A 85 -2.79 -4.45 -4.50
CA THR A 85 -2.82 -4.65 -3.07
C THR A 85 -3.21 -3.35 -2.39
N LEU A 86 -2.93 -2.24 -3.08
CA LEU A 86 -3.09 -0.92 -2.49
C LEU A 86 -2.15 -0.76 -1.28
N ASN A 87 -1.07 -1.55 -1.19
CA ASN A 87 -0.11 -1.43 -0.08
C ASN A 87 0.75 -0.16 -0.23
N PRO A 88 0.56 0.80 0.68
CA PRO A 88 1.35 2.03 0.56
C PRO A 88 2.88 1.82 0.62
N TYR A 89 3.31 0.78 1.33
CA TYR A 89 4.74 0.48 1.42
C TYR A 89 5.36 0.07 0.09
N ALA A 90 4.53 -0.33 -0.87
CA ALA A 90 5.03 -0.74 -2.19
C ALA A 90 5.67 0.42 -2.95
N TRP A 91 5.27 1.64 -2.62
CA TRP A 91 5.79 2.80 -3.35
C TRP A 91 7.28 3.01 -3.13
N LEU A 92 7.80 2.49 -2.03
CA LEU A 92 9.24 2.58 -1.79
C LEU A 92 10.05 1.94 -2.95
N SER A 93 9.46 0.94 -3.60
N SER A 93 9.47 0.93 -3.58
CA SER A 93 10.17 0.18 -4.64
CA SER A 93 10.17 0.19 -4.63
C SER A 93 10.54 1.00 -5.87
C SER A 93 10.65 1.08 -5.78
N LEU A 94 9.96 2.19 -6.02
CA LEU A 94 10.29 3.06 -7.16
C LEU A 94 11.73 3.50 -7.20
N TYR A 95 12.41 3.48 -6.06
CA TYR A 95 13.80 3.91 -6.05
C TYR A 95 14.71 2.98 -6.86
N LYS A 96 14.19 1.79 -7.19
CA LYS A 96 14.93 0.83 -7.99
C LYS A 96 14.46 0.85 -9.44
N GLN A 97 13.50 1.72 -9.76
CA GLN A 97 12.94 1.80 -11.12
C GLN A 97 13.18 3.16 -11.74
N GLY A 98 14.24 3.86 -11.34
CA GLY A 98 14.63 5.09 -12.02
C GLY A 98 14.09 6.38 -11.40
N TYR A 99 13.71 6.35 -10.13
CA TYR A 99 13.33 7.59 -9.43
C TYR A 99 14.50 8.05 -8.55
N ARG A 100 14.92 9.29 -8.73
CA ARG A 100 15.99 9.87 -7.93
CA ARG A 100 15.99 9.92 -7.94
C ARG A 100 15.46 10.32 -6.58
N LEU A 101 16.30 10.27 -5.55
CA LEU A 101 15.89 10.50 -4.16
C LEU A 101 16.55 11.71 -3.53
N LYS A 102 15.79 12.39 -2.68
CA LYS A 102 16.34 13.31 -1.68
C LYS A 102 15.62 13.09 -0.36
N LEU A 103 16.31 13.42 0.73
CA LEU A 103 15.81 13.31 2.10
CA LEU A 103 15.70 13.35 2.05
C LEU A 103 15.81 14.68 2.78
N SER A 104 14.73 15.00 3.47
CA SER A 104 14.71 16.16 4.34
C SER A 104 13.84 15.82 5.57
N SER A 105 13.49 16.86 6.31
N SER A 105 13.46 16.85 6.32
N SER A 105 13.45 16.83 6.31
CA SER A 105 12.64 16.73 7.48
CA SER A 105 12.76 16.72 7.61
CA SER A 105 12.53 16.62 7.40
C SER A 105 11.56 17.80 7.42
C SER A 105 11.74 17.86 7.73
C SER A 105 11.63 17.83 7.54
N VAL A 106 10.50 17.57 8.17
CA VAL A 106 9.48 18.59 8.43
C VAL A 106 8.93 18.46 9.86
N GLY A 107 8.62 19.59 10.49
CA GLY A 107 8.02 19.58 11.82
C GLY A 107 7.32 20.90 12.07
N GLY A 108 6.63 20.98 13.20
CA GLY A 108 5.96 22.21 13.61
C GLY A 108 6.09 22.38 15.10
N ASP A 111 3.78 19.61 16.36
CA ASP A 111 4.07 18.19 16.19
C ASP A 111 5.54 17.98 15.86
N LYS A 112 6.16 16.93 16.40
N LYS A 112 6.08 16.86 16.35
CA LYS A 112 7.60 16.78 16.19
CA LYS A 112 7.50 16.58 16.20
C LYS A 112 7.91 16.14 14.84
C LYS A 112 7.87 16.32 14.73
N SER A 113 9.14 16.38 14.41
N SER A 113 9.16 16.25 14.47
CA SER A 113 9.55 16.19 13.04
CA SER A 113 9.72 16.19 13.12
C SER A 113 9.56 14.75 12.60
C SER A 113 9.85 14.78 12.52
N VAL A 114 9.31 14.59 11.32
CA VAL A 114 9.43 13.35 10.59
C VAL A 114 10.34 13.57 9.36
N TYR A 115 10.89 12.50 8.81
CA TYR A 115 11.59 12.59 7.53
C TYR A 115 10.56 12.72 6.41
N TYR A 116 10.92 13.43 5.35
CA TYR A 116 10.24 13.17 4.08
C TYR A 116 11.27 12.92 3.00
N ILE A 117 10.90 11.99 2.14
CA ILE A 117 11.71 11.54 1.03
CA ILE A 117 11.72 11.57 1.01
C ILE A 117 11.00 11.89 -0.27
N THR A 118 11.71 12.59 -1.16
CA THR A 118 11.20 12.90 -2.48
C THR A 118 11.71 11.86 -3.48
N THR A 120 11.75 11.43 -7.62
CA THR A 120 11.53 12.21 -8.84
C THR A 120 11.88 11.35 -10.05
N ALA A 121 10.91 11.14 -10.93
CA ALA A 121 11.14 10.30 -12.09
C ALA A 121 12.22 10.92 -12.97
N ALA A 122 13.26 10.15 -13.27
CA ALA A 122 14.28 10.59 -14.21
C ALA A 122 13.75 10.59 -15.64
N ASP A 123 12.78 9.70 -15.92
CA ASP A 123 12.13 9.60 -17.22
C ASP A 123 10.91 10.51 -17.25
N LYS A 124 10.96 11.53 -18.10
CA LYS A 124 9.89 12.53 -18.19
C LYS A 124 8.55 11.99 -18.70
N ARG A 125 8.54 10.76 -19.17
CA ARG A 125 7.32 10.10 -19.60
C ARG A 125 6.56 9.41 -18.47
N LYS A 126 7.23 9.13 -17.35
CA LYS A 126 6.62 8.29 -16.32
C LYS A 126 5.62 9.04 -15.45
N ASP A 127 4.66 8.28 -14.95
CA ASP A 127 3.54 8.79 -14.19
C ASP A 127 3.33 7.76 -13.07
N PRO A 128 3.45 8.16 -11.79
CA PRO A 128 3.58 9.55 -11.31
C PRO A 128 4.94 10.16 -11.59
N GLU A 129 4.95 11.48 -11.74
CA GLU A 129 6.18 12.24 -11.94
CA GLU A 129 6.17 12.24 -11.93
C GLU A 129 6.99 12.31 -10.65
N SER A 130 6.31 12.41 -9.52
CA SER A 130 6.97 12.49 -8.21
C SER A 130 6.15 11.73 -7.18
N VAL A 131 6.82 11.21 -6.16
CA VAL A 131 6.18 10.58 -5.00
C VAL A 131 6.85 11.13 -3.75
N TYR A 132 6.07 11.38 -2.72
CA TYR A 132 6.59 11.92 -1.46
C TYR A 132 6.21 10.99 -0.32
N LEU A 133 7.21 10.61 0.48
CA LEU A 133 7.02 9.65 1.58
C LEU A 133 7.32 10.36 2.91
N PHE A 134 6.42 10.23 3.88
CA PHE A 134 6.61 10.81 5.21
C PHE A 134 6.79 9.66 6.20
N VAL A 135 7.98 9.61 6.79
CA VAL A 135 8.44 8.44 7.56
C VAL A 135 8.96 8.89 8.91
N THR A 136 8.55 8.22 9.98
CA THR A 136 9.04 8.61 11.30
C THR A 136 10.55 8.34 11.46
N LYS A 137 11.20 9.15 12.28
CA LYS A 137 12.66 9.06 12.44
C LYS A 137 13.26 7.93 13.28
N ASP A 138 12.45 7.47 14.22
N ASP A 138 12.56 7.35 14.22
CA ASP A 138 12.90 6.51 15.25
CA ASP A 138 13.23 6.28 14.97
C ASP A 138 12.46 5.08 14.93
C ASP A 138 12.51 4.95 14.84
N THR A 139 11.24 4.99 14.45
CA THR A 139 10.52 3.75 14.26
C THR A 139 10.36 3.41 12.78
N TYR A 140 10.75 4.34 11.89
CA TYR A 140 10.74 4.10 10.44
C TYR A 140 9.39 3.59 9.95
N ARG A 141 8.34 4.27 10.40
CA ARG A 141 6.96 3.94 10.01
C ARG A 141 6.45 4.96 8.98
N LEU A 142 5.88 4.44 7.90
CA LEU A 142 5.32 5.27 6.84
C LEU A 142 3.97 5.82 7.29
N HIS A 143 3.86 7.14 7.38
CA HIS A 143 2.61 7.79 7.76
C HIS A 143 1.76 8.30 6.60
N GLN A 144 2.40 8.66 5.50
CA GLN A 144 1.70 9.26 4.38
C GLN A 144 2.53 9.06 3.12
N VAL A 145 1.84 8.80 2.00
CA VAL A 145 2.42 8.78 0.67
C VAL A 145 1.61 9.69 -0.21
N ASP A 146 2.27 10.67 -0.86
CA ASP A 146 1.60 11.53 -1.83
C ASP A 146 2.10 11.19 -3.24
N LEU A 147 1.17 11.08 -4.17
CA LEU A 147 1.44 10.79 -5.58
C LEU A 147 1.15 12.02 -6.43
N ALA A 148 2.14 12.43 -7.23
CA ALA A 148 2.02 13.61 -8.11
C ALA A 148 1.90 13.19 -9.57
N PRO A 149 0.71 13.29 -10.15
CA PRO A 149 0.56 12.90 -11.55
CA PRO A 149 0.58 12.89 -11.56
C PRO A 149 1.32 13.83 -12.51
N ARG A 150 1.88 13.28 -13.58
CA ARG A 150 2.64 14.07 -14.57
C ARG A 150 1.83 15.19 -15.29
N GLY A 151 0.64 14.84 -15.69
CA GLY A 151 -0.13 15.66 -16.61
C GLY A 151 -1.30 16.42 -16.03
N SER A 152 -1.46 16.40 -14.71
CA SER A 152 -2.60 17.07 -14.08
C SER A 152 -2.12 17.68 -12.76
N LYS A 153 -2.97 18.43 -12.08
CA LYS A 153 -2.53 19.31 -11.01
CA LYS A 153 -2.47 19.27 -11.01
C LYS A 153 -2.76 18.76 -9.62
N TYR A 154 -3.61 17.75 -9.46
CA TYR A 154 -4.03 17.33 -8.12
C TYR A 154 -3.25 16.15 -7.58
N THR A 156 -2.66 12.93 -5.14
CA THR A 156 -3.36 11.88 -4.41
C THR A 156 -2.65 11.66 -3.08
N THR A 157 -3.37 11.68 -1.96
CA THR A 157 -2.78 11.45 -0.64
C THR A 157 -3.26 10.13 -0.09
N ILE A 158 -2.30 9.31 0.37
CA ILE A 158 -2.62 8.10 1.10
C ILE A 158 -2.12 8.24 2.53
N LEU A 159 -3.04 8.15 3.49
CA LEU A 159 -2.69 8.23 4.90
C LEU A 159 -2.77 6.84 5.51
N ILE A 160 -1.77 6.49 6.32
CA ILE A 160 -1.82 5.25 7.09
C ILE A 160 -2.42 5.58 8.46
N ASP A 161 -3.63 5.08 8.68
CA ASP A 161 -4.42 5.39 9.88
C ASP A 161 -4.05 4.50 11.06
N SER A 162 -3.79 3.23 10.79
CA SER A 162 -3.33 2.30 11.82
C SER A 162 -2.49 1.21 11.17
N TYR A 163 -1.60 0.63 11.96
CA TYR A 163 -0.63 -0.34 11.44
C TYR A 163 -0.30 -1.30 12.57
N GLN A 164 -0.68 -2.56 12.38
CA GLN A 164 -0.42 -3.61 13.36
CA GLN A 164 -0.46 -3.63 13.36
C GLN A 164 0.44 -4.70 12.74
N THR A 165 1.48 -5.09 13.46
CA THR A 165 2.47 -6.04 12.94
C THR A 165 2.42 -7.35 13.71
N GLY A 166 3.18 -8.33 13.25
CA GLY A 166 3.32 -9.58 14.00
C GLY A 166 2.04 -10.42 14.06
N GLN A 167 1.14 -10.19 13.12
N GLN A 167 1.13 -10.21 13.12
CA GLN A 167 -0.10 -10.97 13.04
CA GLN A 167 -0.08 -11.01 13.08
C GLN A 167 0.20 -12.32 12.40
C GLN A 167 0.17 -12.31 12.35
N SER A 168 -0.65 -13.30 12.66
CA SER A 168 -0.57 -14.60 11.98
C SER A 168 -1.94 -14.86 11.41
N TYR A 169 -1.98 -15.00 10.10
N TYR A 169 -2.01 -15.00 10.09
CA TYR A 169 -3.18 -15.30 9.38
CA TYR A 169 -3.26 -15.28 9.42
C TYR A 169 -3.12 -16.74 8.89
C TYR A 169 -3.24 -16.64 8.73
N PRO A 170 -4.20 -17.49 9.05
CA PRO A 170 -4.24 -18.82 8.42
CA PRO A 170 -4.26 -18.82 8.41
C PRO A 170 -4.33 -18.72 6.90
N ASP A 171 -3.80 -19.72 6.18
CA ASP A 171 -3.91 -19.71 4.72
C ASP A 171 -5.35 -19.49 4.27
N SER A 172 -6.30 -20.04 5.01
CA SER A 172 -7.71 -19.98 4.61
C SER A 172 -8.26 -18.55 4.63
N PHE A 173 -7.62 -17.67 5.40
CA PHE A 173 -8.03 -16.27 5.47
C PHE A 173 -7.96 -15.59 4.07
N PHE A 174 -7.01 -16.05 3.25
CA PHE A 174 -6.75 -15.46 1.93
C PHE A 174 -7.48 -16.18 0.80
N VAL A 175 -8.37 -17.11 1.15
CA VAL A 175 -9.12 -17.86 0.15
C VAL A 175 -10.61 -17.56 0.32
N PHE A 176 -11.24 -17.13 -0.77
CA PHE A 176 -12.66 -16.78 -0.75
C PHE A 176 -13.52 -17.95 -0.26
N ASP A 177 -14.48 -17.65 0.61
CA ASP A 177 -15.42 -18.64 1.19
C ASP A 177 -16.84 -18.29 0.73
N LYS A 178 -17.38 -19.10 -0.18
CA LYS A 178 -18.70 -18.86 -0.76
C LYS A 178 -19.81 -18.86 0.30
N LYS A 179 -19.60 -19.52 1.43
CA LYS A 179 -20.65 -19.59 2.44
C LYS A 179 -20.98 -18.22 3.03
N ALA A 180 -20.02 -17.31 2.93
CA ALA A 180 -20.18 -15.94 3.42
C ALA A 180 -20.95 -15.05 2.44
N TYR A 181 -21.15 -15.55 1.23
CA TYR A 181 -21.75 -14.80 0.12
C TYR A 181 -22.77 -15.70 -0.57
N PRO A 182 -23.90 -15.99 0.12
CA PRO A 182 -24.85 -17.01 -0.33
CA PRO A 182 -24.86 -17.00 -0.34
C PRO A 182 -25.52 -16.72 -1.67
N THR A 183 -25.78 -15.46 -1.97
CA THR A 183 -26.51 -15.10 -3.19
C THR A 183 -25.60 -14.72 -4.36
N ALA A 184 -24.30 -14.55 -4.11
CA ALA A 184 -23.40 -14.00 -5.14
C ALA A 184 -23.28 -14.93 -6.33
N GLU A 185 -23.13 -14.36 -7.52
CA GLU A 185 -22.76 -15.14 -8.71
C GLU A 185 -21.23 -15.21 -8.79
N VAL A 186 -20.69 -16.41 -8.97
CA VAL A 186 -19.26 -16.60 -9.21
C VAL A 186 -18.97 -16.56 -10.71
N ILE A 187 -18.06 -15.68 -11.11
CA ILE A 187 -17.68 -15.53 -12.52
C ILE A 187 -16.18 -15.85 -12.61
N ASP A 188 -15.87 -17.06 -13.10
CA ASP A 188 -14.51 -17.55 -13.09
CA ASP A 188 -14.51 -17.57 -13.10
C ASP A 188 -13.87 -17.30 -14.46
N ARG A 190 -10.63 -17.86 -15.14
CA ARG A 190 -9.41 -18.65 -15.29
C ARG A 190 -9.53 -19.69 -16.39
#